data_1S2L
#
_entry.id   1S2L
#
_cell.length_a   79.290
_cell.length_b   79.291
_cell.length_c   187.240
_cell.angle_alpha   90.00
_cell.angle_beta   90.00
_cell.angle_gamma   90.00
#
_symmetry.space_group_name_H-M   'P 43 21 2'
#
loop_
_entity.id
_entity.type
_entity.pdbx_description
1 polymer 'purine trans deoxyribosylase'
2 water water
#
_entity_poly.entity_id   1
_entity_poly.type   'polypeptide(L)'
_entity_poly.pdbx_seq_one_letter_code
;MKAVVPTGKIYLGSPFYSDAQRERAAKAKELLAKNPSIAHVFFPFDDGFTDPDEKNPEIGGIRSMVWRDATYQNDLTGIS
NATCGVFLYDMDQLDDGSAFEIGFMRAMHKPVILVPFTEHPEKEKKMNLMIAQGVTTIIDGNTEFEKLADYNFNECPSNP
VRGYGIY
;
_entity_poly.pdbx_strand_id   A,B,C
#
# COMPACT_ATOMS: atom_id res chain seq x y z
N MET A 1 5.16 3.66 -16.75
CA MET A 1 6.11 4.42 -17.62
C MET A 1 7.54 3.99 -17.33
N LYS A 2 7.87 2.76 -17.72
CA LYS A 2 9.21 2.22 -17.49
C LYS A 2 9.57 2.28 -16.01
N ALA A 3 9.24 1.21 -15.29
CA ALA A 3 9.52 1.12 -13.86
C ALA A 3 11.01 0.99 -13.58
N VAL A 4 11.53 1.87 -12.72
CA VAL A 4 12.94 1.83 -12.36
C VAL A 4 13.17 0.63 -11.45
N VAL A 5 12.15 -0.21 -11.35
CA VAL A 5 12.19 -1.42 -10.54
C VAL A 5 10.80 -2.05 -10.63
N PRO A 6 10.73 -3.39 -10.59
CA PRO A 6 9.42 -4.05 -10.66
C PRO A 6 8.60 -3.61 -9.47
N THR A 7 7.32 -3.29 -9.69
CA THR A 7 6.47 -2.85 -8.60
C THR A 7 5.25 -3.76 -8.44
N GLY A 8 5.08 -4.65 -9.40
CA GLY A 8 3.96 -5.58 -9.35
C GLY A 8 4.03 -6.53 -8.18
N LYS A 9 2.96 -6.56 -7.39
CA LYS A 9 2.89 -7.45 -6.24
C LYS A 9 1.56 -8.18 -6.36
N ILE A 10 1.66 -9.41 -6.85
CA ILE A 10 0.52 -10.27 -7.11
C ILE A 10 0.04 -11.13 -5.96
N TYR A 11 -1.27 -11.18 -5.78
CA TYR A 11 -1.88 -12.06 -4.81
C TYR A 11 -2.43 -13.11 -5.77
N LEU A 12 -1.90 -14.33 -5.72
CA LEU A 12 -2.39 -15.37 -6.63
C LEU A 12 -3.45 -16.20 -5.92
N GLY A 13 -4.70 -16.02 -6.30
CA GLY A 13 -5.78 -16.75 -5.68
C GLY A 13 -6.27 -17.90 -6.51
N SER A 14 -6.50 -19.04 -5.87
CA SER A 14 -6.98 -20.22 -6.56
C SER A 14 -7.10 -21.42 -5.62
N PRO A 15 -8.03 -22.35 -5.94
CA PRO A 15 -8.21 -23.54 -5.11
C PRO A 15 -6.95 -24.38 -5.29
N PHE A 16 -6.70 -25.32 -4.38
CA PHE A 16 -5.49 -26.13 -4.49
C PHE A 16 -5.73 -27.56 -4.03
N TYR A 17 -6.86 -28.12 -4.44
CA TYR A 17 -7.23 -29.47 -4.07
C TYR A 17 -6.85 -30.52 -5.12
N SER A 18 -7.61 -30.57 -6.21
CA SER A 18 -7.38 -31.53 -7.27
C SER A 18 -6.09 -31.32 -8.05
N ASP A 19 -5.66 -32.35 -8.76
CA ASP A 19 -4.45 -32.30 -9.56
C ASP A 19 -4.54 -31.19 -10.59
N ALA A 20 -5.74 -31.02 -11.14
CA ALA A 20 -5.95 -29.97 -12.13
C ALA A 20 -5.63 -28.60 -11.53
N GLN A 21 -6.24 -28.31 -10.39
CA GLN A 21 -6.03 -27.02 -9.72
C GLN A 21 -4.56 -26.80 -9.44
N ARG A 22 -3.92 -27.78 -8.81
CA ARG A 22 -2.49 -27.68 -8.48
C ARG A 22 -1.66 -27.41 -9.74
N GLU A 23 -2.11 -27.94 -10.87
CA GLU A 23 -1.41 -27.76 -12.14
C GLU A 23 -1.47 -26.30 -12.61
N ARG A 24 -2.68 -25.78 -12.80
CA ARG A 24 -2.87 -24.41 -13.23
C ARG A 24 -2.04 -23.45 -12.38
N ALA A 25 -2.11 -23.63 -11.07
CA ALA A 25 -1.35 -22.79 -10.15
C ALA A 25 0.16 -22.93 -10.37
N ALA A 26 0.59 -24.16 -10.66
CA ALA A 26 2.01 -24.42 -10.88
C ALA A 26 2.51 -23.67 -12.11
N LYS A 27 1.73 -23.73 -13.19
CA LYS A 27 2.09 -23.04 -14.43
C LYS A 27 1.95 -21.54 -14.21
N ALA A 28 0.89 -21.14 -13.50
CA ALA A 28 0.67 -19.74 -13.22
C ALA A 28 1.96 -19.17 -12.63
N LYS A 29 2.49 -19.84 -11.60
CA LYS A 29 3.72 -19.41 -10.95
C LYS A 29 4.86 -19.26 -11.94
N GLU A 30 5.11 -20.31 -12.70
CA GLU A 30 6.17 -20.33 -13.69
C GLU A 30 6.07 -19.14 -14.63
N LEU A 31 4.86 -18.87 -15.11
CA LEU A 31 4.62 -17.75 -16.00
C LEU A 31 4.94 -16.41 -15.33
N LEU A 32 4.23 -16.12 -14.24
CA LEU A 32 4.44 -14.87 -13.50
C LEU A 32 5.92 -14.71 -13.15
N ALA A 33 6.59 -15.84 -12.89
CA ALA A 33 8.00 -15.83 -12.55
C ALA A 33 8.86 -15.33 -13.71
N LYS A 34 8.30 -15.35 -14.91
CA LYS A 34 9.03 -14.90 -16.09
C LYS A 34 8.74 -13.43 -16.37
N ASN A 35 7.67 -12.91 -15.75
CA ASN A 35 7.28 -11.52 -15.96
C ASN A 35 8.22 -10.58 -15.20
N PRO A 36 8.87 -9.65 -15.93
CA PRO A 36 9.82 -8.67 -15.40
C PRO A 36 9.23 -7.49 -14.64
N SER A 37 7.90 -7.35 -14.65
CA SER A 37 7.27 -6.24 -13.94
C SER A 37 6.78 -6.67 -12.56
N ILE A 38 7.11 -7.91 -12.18
CA ILE A 38 6.71 -8.44 -10.88
C ILE A 38 7.86 -8.37 -9.88
N ALA A 39 7.57 -7.88 -8.69
CA ALA A 39 8.56 -7.78 -7.63
C ALA A 39 8.34 -8.89 -6.62
N HIS A 40 7.09 -9.37 -6.55
CA HIS A 40 6.74 -10.43 -5.61
C HIS A 40 5.40 -11.07 -5.97
N VAL A 41 5.26 -12.36 -5.62
CA VAL A 41 4.05 -13.11 -5.89
C VAL A 41 3.71 -13.89 -4.63
N PHE A 42 2.46 -13.81 -4.19
CA PHE A 42 2.02 -14.50 -2.99
C PHE A 42 0.94 -15.53 -3.28
N PHE A 43 1.16 -16.76 -2.83
CA PHE A 43 0.18 -17.83 -3.02
C PHE A 43 -0.17 -18.40 -1.65
N PRO A 44 -1.43 -18.23 -1.21
CA PRO A 44 -1.93 -18.70 0.09
C PRO A 44 -1.61 -20.15 0.52
N PHE A 45 -1.42 -21.06 -0.44
CA PHE A 45 -1.14 -22.44 -0.08
C PHE A 45 0.32 -22.80 0.15
N ASP A 46 1.22 -21.86 -0.10
CA ASP A 46 2.64 -22.13 0.11
C ASP A 46 2.95 -22.11 1.60
N GLY A 48 2.22 -22.53 5.16
CA GLY A 48 1.04 -22.66 5.98
C GLY A 48 1.32 -22.41 7.45
N PHE A 49 0.27 -22.26 8.23
CA PHE A 49 0.40 -22.02 9.66
C PHE A 49 0.24 -23.32 10.44
N THR A 50 0.98 -23.43 11.54
CA THR A 50 0.91 -24.61 12.38
C THR A 50 0.50 -24.21 13.79
N ASP A 51 -0.62 -24.75 14.24
CA ASP A 51 -1.12 -24.46 15.59
C ASP A 51 -0.57 -25.54 16.52
N PRO A 52 0.43 -25.18 17.35
CA PRO A 52 1.07 -26.09 18.30
C PRO A 52 0.11 -26.89 19.15
N ASP A 53 -1.04 -26.31 19.45
CA ASP A 53 -2.04 -26.97 20.28
C ASP A 53 -3.17 -27.62 19.49
N GLU A 54 -2.90 -27.99 18.24
CA GLU A 54 -3.93 -28.63 17.43
C GLU A 54 -3.54 -30.10 17.15
N LYS A 55 -4.10 -31.01 17.95
CA LYS A 55 -3.81 -32.43 17.80
C LYS A 55 -4.09 -32.94 16.39
N PRO A 57 -4.18 -32.27 13.10
CA PRO A 57 -5.05 -31.51 12.21
C PRO A 57 -5.42 -32.29 10.95
N GLU A 58 -6.61 -32.03 10.42
CA GLU A 58 -7.07 -32.71 9.22
C GLU A 58 -7.63 -31.71 8.22
N ILE A 59 -7.06 -31.71 7.01
CA ILE A 59 -7.51 -30.79 5.97
C ILE A 59 -8.96 -31.08 5.63
N GLY A 60 -9.79 -30.04 5.72
CA GLY A 60 -11.20 -30.20 5.40
C GLY A 60 -12.01 -30.61 6.61
N GLY A 61 -11.32 -30.82 7.73
CA GLY A 61 -12.01 -31.20 8.95
C GLY A 61 -12.23 -29.99 9.85
N ILE A 62 -12.55 -30.24 11.10
CA ILE A 62 -12.77 -29.17 12.06
C ILE A 62 -11.40 -28.65 12.46
N ARG A 63 -11.15 -27.36 12.20
CA ARG A 63 -9.86 -26.77 12.52
C ARG A 63 -9.97 -25.87 13.74
N SER A 64 -8.88 -25.70 14.46
CA SER A 64 -8.87 -24.85 15.64
C SER A 64 -9.13 -23.42 15.19
N MET A 65 -9.71 -22.62 16.07
CA MET A 65 -10.01 -21.24 15.76
C MET A 65 -8.70 -20.48 15.54
N VAL A 66 -7.66 -20.86 16.29
CA VAL A 66 -6.35 -20.24 16.15
C VAL A 66 -5.83 -20.44 14.73
N TRP A 67 -5.90 -21.67 14.24
CA TRP A 67 -5.43 -21.96 12.88
C TRP A 67 -6.26 -21.20 11.87
N ARG A 68 -7.56 -21.12 12.10
CA ARG A 68 -8.46 -20.43 11.19
C ARG A 68 -8.12 -18.95 11.11
N ASP A 69 -7.97 -18.31 12.26
CA ASP A 69 -7.63 -16.88 12.32
C ASP A 69 -6.30 -16.57 11.67
N ALA A 70 -5.27 -17.36 12.02
CA ALA A 70 -3.94 -17.16 11.49
C ALA A 70 -3.89 -17.34 9.98
N THR A 71 -4.56 -18.37 9.49
CA THR A 71 -4.59 -18.67 8.07
C THR A 71 -5.38 -17.63 7.29
N TYR A 72 -6.57 -17.29 7.80
CA TYR A 72 -7.40 -16.28 7.15
C TYR A 72 -6.60 -14.99 7.07
N GLN A 73 -5.93 -14.62 8.14
CA GLN A 73 -5.15 -13.39 8.17
C GLN A 73 -3.98 -13.38 7.19
N ASN A 74 -3.26 -14.51 7.08
CA ASN A 74 -2.15 -14.57 6.15
C ASN A 74 -2.66 -14.22 4.77
N ASP A 75 -3.89 -14.62 4.47
CA ASP A 75 -4.49 -14.31 3.18
C ASP A 75 -4.85 -12.82 3.09
N LEU A 76 -5.48 -12.27 4.12
CA LEU A 76 -5.83 -10.85 4.08
C LEU A 76 -4.53 -10.03 4.02
N THR A 77 -3.50 -10.53 4.68
CA THR A 77 -2.20 -9.86 4.69
C THR A 77 -1.63 -9.86 3.27
N GLY A 78 -1.75 -10.99 2.58
CA GLY A 78 -1.26 -11.06 1.22
C GLY A 78 -2.03 -10.10 0.34
N ILE A 79 -3.32 -9.96 0.61
CA ILE A 79 -4.15 -9.04 -0.16
C ILE A 79 -3.75 -7.59 0.14
N SER A 80 -3.48 -7.30 1.40
CA SER A 80 -3.08 -5.94 1.78
C SER A 80 -1.76 -5.55 1.11
N ASN A 81 -0.79 -6.44 1.19
CA ASN A 81 0.52 -6.20 0.60
C ASN A 81 0.50 -6.11 -0.92
N ALA A 82 -0.35 -6.91 -1.55
CA ALA A 82 -0.45 -6.95 -3.00
C ALA A 82 -0.89 -5.63 -3.64
N THR A 83 -0.52 -5.45 -4.91
CA THR A 83 -0.90 -4.28 -5.68
C THR A 83 -2.06 -4.69 -6.59
N CYS A 84 -2.12 -5.97 -6.92
CA CYS A 84 -3.18 -6.48 -7.78
C CYS A 84 -3.46 -7.97 -7.55
N GLY A 85 -4.62 -8.42 -7.97
CA GLY A 85 -4.97 -9.81 -7.80
C GLY A 85 -5.07 -10.58 -9.10
N VAL A 86 -4.61 -11.82 -9.08
CA VAL A 86 -4.66 -12.71 -10.23
C VAL A 86 -5.39 -13.97 -9.78
N PHE A 87 -6.60 -14.18 -10.31
CA PHE A 87 -7.38 -15.33 -9.91
C PHE A 87 -7.59 -16.41 -10.99
N LEU A 88 -7.12 -17.62 -10.69
CA LEU A 88 -7.28 -18.76 -11.59
C LEU A 88 -8.69 -19.20 -11.25
N TYR A 89 -9.64 -18.62 -11.95
CA TYR A 89 -11.05 -18.86 -11.69
C TYR A 89 -11.67 -20.00 -12.45
N ASP A 90 -11.92 -21.10 -11.74
CA ASP A 90 -12.54 -22.28 -12.34
C ASP A 90 -14.02 -21.96 -12.56
N MET A 91 -14.42 -21.85 -13.83
CA MET A 91 -15.82 -21.54 -14.14
C MET A 91 -16.74 -22.74 -13.99
N ASP A 92 -16.16 -23.94 -13.88
CA ASP A 92 -16.94 -25.17 -13.72
C ASP A 92 -17.26 -25.44 -12.26
N GLN A 93 -16.31 -25.10 -11.40
CA GLN A 93 -16.48 -25.30 -9.96
C GLN A 93 -16.18 -23.96 -9.28
N LEU A 94 -17.19 -23.10 -9.24
CA LEU A 94 -17.05 -21.79 -8.64
C LEU A 94 -16.55 -21.87 -7.21
N ASP A 95 -15.45 -21.17 -6.96
CA ASP A 95 -14.83 -21.13 -5.64
C ASP A 95 -15.25 -19.82 -4.95
N ASP A 96 -16.04 -19.93 -3.89
CA ASP A 96 -16.49 -18.75 -3.18
C ASP A 96 -15.39 -18.06 -2.40
N GLY A 97 -14.32 -18.78 -2.08
CA GLY A 97 -13.21 -18.18 -1.37
C GLY A 97 -12.54 -17.15 -2.29
N SER A 98 -12.31 -17.56 -3.54
CA SER A 98 -11.69 -16.69 -4.53
C SER A 98 -12.60 -15.49 -4.79
N ALA A 99 -13.90 -15.75 -4.95
CA ALA A 99 -14.87 -14.69 -5.19
C ALA A 99 -14.85 -13.67 -4.04
N PHE A 100 -14.81 -14.18 -2.81
CA PHE A 100 -14.77 -13.33 -1.62
C PHE A 100 -13.57 -12.39 -1.74
N GLU A 101 -12.42 -12.95 -2.08
CA GLU A 101 -11.19 -12.18 -2.21
C GLU A 101 -11.24 -11.15 -3.31
N ILE A 102 -11.92 -11.49 -4.41
CA ILE A 102 -12.06 -10.55 -5.51
C ILE A 102 -12.86 -9.35 -5.04
N GLY A 103 -13.94 -9.60 -4.29
CA GLY A 103 -14.75 -8.50 -3.78
C GLY A 103 -13.96 -7.66 -2.77
N PHE A 104 -13.20 -8.33 -1.91
CA PHE A 104 -12.40 -7.65 -0.90
C PHE A 104 -11.42 -6.70 -1.60
N MET A 105 -10.69 -7.22 -2.59
CA MET A 105 -9.72 -6.42 -3.32
C MET A 105 -10.32 -5.23 -4.05
N ARG A 106 -11.50 -5.43 -4.66
CA ARG A 106 -12.15 -4.35 -5.36
C ARG A 106 -12.63 -3.29 -4.36
N ALA A 107 -13.07 -3.72 -3.18
CA ALA A 107 -13.51 -2.74 -2.19
C ALA A 107 -12.32 -1.88 -1.81
N MET A 108 -11.12 -2.44 -1.91
CA MET A 108 -9.90 -1.70 -1.59
C MET A 108 -9.44 -0.92 -2.82
N HIS A 109 -10.23 -0.99 -3.89
CA HIS A 109 -9.93 -0.30 -5.14
C HIS A 109 -8.74 -0.85 -5.93
N LYS A 110 -8.28 -2.05 -5.56
CA LYS A 110 -7.13 -2.63 -6.27
C LYS A 110 -7.56 -3.35 -7.54
N PRO A 111 -6.68 -3.38 -8.55
CA PRO A 111 -7.02 -4.04 -9.82
C PRO A 111 -7.06 -5.56 -9.66
N VAL A 112 -7.99 -6.18 -10.36
CA VAL A 112 -8.16 -7.63 -10.30
C VAL A 112 -8.15 -8.26 -11.70
N ILE A 113 -7.22 -9.18 -11.92
CA ILE A 113 -7.11 -9.88 -13.19
C ILE A 113 -7.75 -11.26 -13.09
N LEU A 114 -8.81 -11.48 -13.86
CA LEU A 114 -9.49 -12.77 -13.86
C LEU A 114 -8.95 -13.65 -14.98
N VAL A 115 -8.48 -14.84 -14.60
CA VAL A 115 -7.95 -15.83 -15.53
C VAL A 115 -8.88 -17.04 -15.46
N PRO A 116 -9.99 -17.03 -16.21
CA PRO A 116 -10.93 -18.15 -16.16
C PRO A 116 -10.58 -19.38 -16.98
N PHE A 117 -11.08 -20.53 -16.50
CA PHE A 117 -10.90 -21.83 -17.12
C PHE A 117 -12.29 -22.46 -17.19
N THR A 118 -12.57 -23.27 -18.22
CA THR A 118 -13.91 -23.87 -18.34
C THR A 118 -14.02 -25.37 -18.59
N GLU A 119 -13.01 -26.00 -19.18
CA GLU A 119 -13.03 -27.43 -19.46
C GLU A 119 -14.32 -27.97 -20.12
N HIS A 120 -15.34 -27.12 -20.24
CA HIS A 120 -16.61 -27.50 -20.85
C HIS A 120 -17.10 -26.41 -21.82
N PRO A 121 -16.44 -26.29 -22.98
CA PRO A 121 -16.80 -25.30 -23.99
C PRO A 121 -18.25 -25.41 -24.50
N GLU A 122 -18.83 -26.60 -24.35
CA GLU A 122 -20.20 -26.87 -24.80
C GLU A 122 -21.24 -25.98 -24.15
N LYS A 123 -21.09 -25.72 -22.85
CA LYS A 123 -22.03 -24.89 -22.12
C LYS A 123 -21.83 -23.41 -22.44
N GLU A 124 -22.94 -22.68 -22.54
CA GLU A 124 -22.90 -21.25 -22.83
C GLU A 124 -22.06 -20.53 -21.79
N LYS A 125 -21.15 -19.67 -22.25
CA LYS A 125 -20.27 -18.92 -21.37
C LYS A 125 -21.03 -17.85 -20.60
N LYS A 126 -21.31 -18.14 -19.33
CA LYS A 126 -22.03 -17.21 -18.46
C LYS A 126 -21.14 -16.78 -17.30
N MET A 127 -21.53 -15.68 -16.65
CA MET A 127 -20.77 -15.17 -15.51
C MET A 127 -21.63 -14.24 -14.66
N ASN A 128 -21.52 -14.38 -13.34
CA ASN A 128 -22.28 -13.56 -12.40
C ASN A 128 -21.96 -12.07 -12.65
N LEU A 129 -22.95 -11.20 -12.45
CA LEU A 129 -22.77 -9.76 -12.65
C LEU A 129 -21.57 -9.27 -11.86
N MET A 130 -21.59 -9.52 -10.55
CA MET A 130 -20.46 -9.13 -9.71
C MET A 130 -19.44 -10.14 -10.19
N ILE A 131 -18.26 -9.65 -10.57
CA ILE A 131 -17.16 -10.48 -11.10
C ILE A 131 -17.00 -10.02 -12.54
N ALA A 132 -18.11 -9.99 -13.27
CA ALA A 132 -18.08 -9.53 -14.66
C ALA A 132 -17.75 -8.04 -14.57
N GLN A 133 -18.46 -7.33 -13.70
CA GLN A 133 -18.24 -5.90 -13.50
C GLN A 133 -17.15 -5.60 -12.47
N GLY A 134 -16.96 -6.51 -11.51
CA GLY A 134 -15.96 -6.29 -10.48
C GLY A 134 -14.53 -6.38 -10.96
N VAL A 135 -14.24 -7.39 -11.77
CA VAL A 135 -12.89 -7.58 -12.31
C VAL A 135 -12.54 -6.43 -13.26
N THR A 136 -11.27 -6.03 -13.27
CA THR A 136 -10.82 -4.95 -14.13
C THR A 136 -10.14 -5.43 -15.40
N THR A 137 -9.64 -6.67 -15.39
CA THR A 137 -8.98 -7.24 -16.55
C THR A 137 -9.18 -8.75 -16.67
N ILE A 138 -9.52 -9.21 -17.86
CA ILE A 138 -9.71 -10.63 -18.06
C ILE A 138 -8.70 -11.20 -19.05
N ILE A 139 -8.08 -12.30 -18.67
CA ILE A 139 -7.11 -13.00 -19.49
C ILE A 139 -7.60 -14.44 -19.52
N ASP A 140 -8.12 -14.89 -20.65
CA ASP A 140 -8.61 -16.26 -20.74
C ASP A 140 -7.49 -17.25 -20.44
N GLY A 141 -7.75 -18.17 -19.51
CA GLY A 141 -6.73 -19.13 -19.15
C GLY A 141 -6.62 -20.30 -20.10
N ASN A 142 -7.72 -20.61 -20.79
CA ASN A 142 -7.72 -21.73 -21.73
C ASN A 142 -6.97 -21.43 -23.02
N THR A 143 -6.76 -20.15 -23.32
CA THR A 143 -6.06 -19.81 -24.55
C THR A 143 -5.07 -18.64 -24.42
N GLU A 144 -5.12 -17.93 -23.30
CA GLU A 144 -4.24 -16.78 -23.10
C GLU A 144 -3.39 -16.87 -21.84
N PHE A 145 -3.40 -18.04 -21.20
CA PHE A 145 -2.65 -18.26 -19.97
C PHE A 145 -1.22 -17.70 -20.06
N GLU A 146 -0.66 -17.74 -21.25
CA GLU A 146 0.71 -17.28 -21.50
C GLU A 146 1.02 -15.80 -21.24
N LYS A 147 0.07 -14.90 -21.47
CA LYS A 147 0.34 -13.49 -21.26
C LYS A 147 0.59 -13.05 -19.82
N LEU A 148 0.44 -13.97 -18.87
CA LEU A 148 0.69 -13.62 -17.47
C LEU A 148 2.18 -13.36 -17.30
N ALA A 149 2.95 -13.81 -18.29
CA ALA A 149 4.39 -13.64 -18.26
C ALA A 149 4.78 -12.33 -18.93
N ASP A 150 3.84 -11.71 -19.63
CA ASP A 150 4.11 -10.47 -20.36
C ASP A 150 3.32 -9.27 -19.84
N TYR A 151 2.15 -9.54 -19.26
CA TYR A 151 1.29 -8.48 -18.74
C TYR A 151 2.10 -7.50 -17.89
N ASN A 152 1.87 -6.21 -18.09
CA ASN A 152 2.57 -5.19 -17.32
C ASN A 152 1.81 -4.94 -16.02
N PHE A 153 2.29 -5.55 -14.96
CA PHE A 153 1.67 -5.42 -13.65
C PHE A 153 2.07 -4.13 -12.93
N ASN A 154 2.91 -3.32 -13.58
CA ASN A 154 3.32 -2.06 -12.99
C ASN A 154 2.18 -1.05 -13.14
N GLU A 155 1.41 -1.21 -14.21
CA GLU A 155 0.28 -0.32 -14.49
C GLU A 155 -1.06 -1.05 -14.53
N CYS A 156 -1.02 -2.33 -14.88
CA CYS A 156 -2.24 -3.14 -14.94
C CYS A 156 -3.32 -2.59 -15.89
N PRO A 157 -3.01 -2.55 -17.20
CA PRO A 157 -3.95 -2.06 -18.21
C PRO A 157 -5.32 -2.71 -18.06
N SER A 158 -6.38 -1.91 -18.19
CA SER A 158 -7.74 -2.40 -18.06
C SER A 158 -8.16 -3.25 -19.26
N ASN A 159 -9.13 -4.13 -19.04
CA ASN A 159 -9.62 -5.01 -20.10
C ASN A 159 -10.96 -5.60 -19.68
N PRO A 160 -12.05 -4.85 -19.90
CA PRO A 160 -13.41 -5.25 -19.55
C PRO A 160 -13.82 -6.66 -19.99
N VAL A 161 -14.69 -7.28 -19.22
CA VAL A 161 -15.19 -8.62 -19.52
C VAL A 161 -16.28 -8.56 -20.58
N ARG A 162 -16.18 -9.39 -21.61
CA ARG A 162 -17.19 -9.43 -22.66
C ARG A 162 -17.27 -10.83 -23.24
N GLY A 163 -18.42 -11.17 -23.81
CA GLY A 163 -18.59 -12.49 -24.39
C GLY A 163 -19.05 -13.51 -23.37
N TYR A 164 -19.78 -13.05 -22.36
CA TYR A 164 -20.30 -13.92 -21.31
C TYR A 164 -21.73 -13.51 -20.97
N GLY A 165 -22.62 -14.49 -20.91
CA GLY A 165 -24.00 -14.19 -20.56
C GLY A 165 -24.00 -13.75 -19.10
N ILE A 166 -24.54 -12.58 -18.82
CA ILE A 166 -24.56 -12.06 -17.46
C ILE A 166 -25.80 -12.49 -16.66
N TYR A 167 -25.58 -12.87 -15.41
CA TYR A 167 -26.68 -13.28 -14.54
C TYR A 167 -26.43 -12.81 -13.10
N MET B 1 7.51 -18.14 -3.25
CA MET B 1 7.13 -16.70 -3.31
C MET B 1 8.30 -15.80 -2.95
N LYS B 2 9.52 -16.25 -3.22
CA LYS B 2 10.71 -15.45 -2.93
C LYS B 2 10.58 -14.14 -3.70
N ALA B 3 10.81 -13.02 -3.02
CA ALA B 3 10.69 -11.73 -3.66
C ALA B 3 11.87 -11.48 -4.59
N VAL B 4 11.60 -10.87 -5.75
CA VAL B 4 12.65 -10.55 -6.72
C VAL B 4 13.46 -9.40 -6.14
N VAL B 5 12.79 -8.56 -5.37
CA VAL B 5 13.42 -7.41 -4.72
C VAL B 5 12.71 -7.24 -3.37
N PRO B 6 13.34 -6.54 -2.41
CA PRO B 6 12.72 -6.31 -1.11
C PRO B 6 11.44 -5.49 -1.27
N THR B 7 10.35 -5.91 -0.62
CA THR B 7 9.09 -5.16 -0.71
C THR B 7 8.52 -4.73 0.65
N GLY B 8 9.14 -5.15 1.74
CA GLY B 8 8.67 -4.77 3.05
C GLY B 8 8.95 -3.31 3.38
N LYS B 9 7.89 -2.57 3.70
CA LYS B 9 8.05 -1.16 4.07
C LYS B 9 7.49 -1.04 5.47
N ILE B 10 8.41 -0.86 6.42
CA ILE B 10 8.08 -0.79 7.82
C ILE B 10 7.77 0.58 8.38
N TYR B 11 6.71 0.61 9.19
CA TYR B 11 6.35 1.82 9.91
C TYR B 11 6.77 1.40 11.31
N LEU B 12 7.87 1.97 11.81
CA LEU B 12 8.37 1.61 13.13
C LEU B 12 7.77 2.53 14.19
N GLY B 13 6.80 2.02 14.94
CA GLY B 13 6.16 2.83 15.97
C GLY B 13 6.80 2.63 17.34
N SER B 14 7.04 3.73 18.04
CA SER B 14 7.66 3.67 19.36
C SER B 14 7.86 5.02 20.03
N PRO B 15 7.74 5.06 21.36
CA PRO B 15 7.93 6.32 22.11
C PRO B 15 9.42 6.62 21.92
N PHE B 16 9.86 7.84 22.21
CA PHE B 16 11.27 8.17 22.01
C PHE B 16 11.76 9.33 22.87
N TYR B 17 11.31 9.39 24.12
CA TYR B 17 11.72 10.47 25.00
C TYR B 17 12.91 10.04 25.87
N SER B 18 12.60 9.42 27.02
CA SER B 18 13.65 8.98 27.93
C SER B 18 14.40 7.79 27.36
N ASP B 19 15.53 7.46 27.99
CA ASP B 19 16.35 6.34 27.55
C ASP B 19 15.55 5.04 27.56
N ALA B 20 16.22 3.92 27.33
CA ALA B 20 15.57 2.62 27.30
C ALA B 20 14.67 2.53 26.08
N GLN B 21 13.73 3.47 25.95
CA GLN B 21 12.84 3.48 24.79
C GLN B 21 13.70 3.90 23.60
N ARG B 22 14.48 4.96 23.78
CA ARG B 22 15.35 5.45 22.72
C ARG B 22 16.36 4.38 22.31
N GLU B 23 16.74 3.53 23.27
CA GLU B 23 17.70 2.46 23.01
C GLU B 23 17.03 1.32 22.23
N ARG B 24 15.80 1.00 22.60
CA ARG B 24 15.06 -0.07 21.92
C ARG B 24 14.99 0.25 20.44
N ALA B 25 14.54 1.46 20.13
CA ALA B 25 14.39 1.90 18.75
C ALA B 25 15.70 1.73 18.00
N ALA B 26 16.79 2.15 18.64
CA ALA B 26 18.12 2.07 18.06
C ALA B 26 18.43 0.65 17.59
N LYS B 27 18.30 -0.31 18.49
CA LYS B 27 18.58 -1.70 18.14
C LYS B 27 17.57 -2.21 17.13
N ALA B 28 16.32 -1.75 17.25
CA ALA B 28 15.29 -2.18 16.31
C ALA B 28 15.78 -1.83 14.91
N LYS B 29 16.18 -0.58 14.71
CA LYS B 29 16.67 -0.13 13.40
C LYS B 29 17.80 -1.02 12.89
N GLU B 30 18.73 -1.35 13.78
CA GLU B 30 19.87 -2.19 13.41
C GLU B 30 19.41 -3.55 12.91
N LEU B 31 18.49 -4.18 13.65
CA LEU B 31 17.99 -5.49 13.26
C LEU B 31 17.30 -5.41 11.90
N LEU B 32 16.41 -4.43 11.74
CA LEU B 32 15.68 -4.26 10.49
C LEU B 32 16.64 -3.98 9.34
N ALA B 33 17.70 -3.24 9.63
CA ALA B 33 18.68 -2.92 8.61
C ALA B 33 19.32 -4.21 8.08
N LYS B 34 19.46 -5.20 8.95
CA LYS B 34 20.05 -6.48 8.57
C LYS B 34 19.08 -7.43 7.89
N ASN B 35 17.81 -7.03 7.80
CA ASN B 35 16.79 -7.89 7.19
C ASN B 35 16.70 -7.73 5.68
N PRO B 36 16.95 -8.82 4.95
CA PRO B 36 16.92 -8.92 3.48
C PRO B 36 15.56 -8.60 2.83
N SER B 37 14.48 -8.74 3.58
CA SER B 37 13.15 -8.51 3.04
C SER B 37 12.66 -7.06 3.12
N ILE B 38 13.43 -6.21 3.80
CA ILE B 38 13.01 -4.83 3.96
C ILE B 38 13.49 -3.87 2.86
N ALA B 39 12.56 -3.06 2.35
CA ALA B 39 12.87 -2.09 1.29
C ALA B 39 13.00 -0.70 1.88
N HIS B 40 12.33 -0.45 3.00
CA HIS B 40 12.37 0.85 3.65
C HIS B 40 11.82 0.77 5.08
N VAL B 41 12.39 1.56 5.98
CA VAL B 41 11.97 1.63 7.37
C VAL B 41 11.71 3.10 7.70
N PHE B 42 10.50 3.40 8.17
CA PHE B 42 10.17 4.77 8.52
C PHE B 42 10.03 4.91 10.03
N PHE B 43 10.72 5.89 10.60
CA PHE B 43 10.66 6.16 12.04
C PHE B 43 10.30 7.63 12.19
N PRO B 44 9.09 7.92 12.69
CA PRO B 44 8.57 9.27 12.91
C PRO B 44 9.48 10.28 13.60
N PHE B 45 10.38 9.79 14.44
CA PHE B 45 11.28 10.69 15.17
C PHE B 45 12.59 11.05 14.49
N ASP B 46 12.88 10.47 13.33
CA ASP B 46 14.12 10.78 12.63
C ASP B 46 14.17 12.18 12.03
N ASP B 47 13.18 12.52 11.21
CA ASP B 47 13.14 13.83 10.59
C ASP B 47 12.63 14.90 11.56
N GLY B 48 11.46 15.45 11.24
CA GLY B 48 10.90 16.48 12.08
C GLY B 48 10.58 17.70 11.25
N PHE B 49 9.41 18.29 11.50
CA PHE B 49 8.99 19.47 10.77
C PHE B 49 9.31 20.72 11.57
N THR B 50 9.76 21.76 10.89
CA THR B 50 10.07 23.02 11.54
C THR B 50 9.12 24.08 11.01
N ASP B 51 8.42 24.74 11.92
CA ASP B 51 7.48 25.80 11.57
C ASP B 51 8.17 27.14 11.85
N PRO B 52 8.59 27.85 10.79
CA PRO B 52 9.27 29.14 10.88
C PRO B 52 8.65 30.16 11.85
N ASP B 53 7.33 30.10 12.01
CA ASP B 53 6.66 31.05 12.90
C ASP B 53 6.62 30.57 14.35
N GLU B 54 7.16 29.38 14.59
CA GLU B 54 7.18 28.82 15.93
C GLU B 54 8.51 29.08 16.63
N LYS B 55 8.50 30.01 17.58
CA LYS B 55 9.70 30.37 18.33
C LYS B 55 9.86 29.54 19.60
N ASN B 56 11.11 29.24 19.92
CA ASN B 56 11.44 28.45 21.11
C ASN B 56 10.56 27.22 21.28
N PRO B 57 10.43 26.39 20.22
CA PRO B 57 9.60 25.19 20.33
C PRO B 57 10.13 24.27 21.42
N GLU B 58 9.23 23.79 22.28
CA GLU B 58 9.61 22.89 23.36
C GLU B 58 8.77 21.62 23.29
N ILE B 59 9.43 20.47 23.34
CA ILE B 59 8.72 19.20 23.29
C ILE B 59 7.91 19.00 24.57
N GLY B 60 6.61 18.76 24.41
CA GLY B 60 5.76 18.57 25.56
C GLY B 60 5.05 19.86 25.90
N GLY B 61 5.47 20.95 25.25
CA GLY B 61 4.85 22.23 25.48
C GLY B 61 3.82 22.52 24.40
N ILE B 62 3.28 23.72 24.41
CA ILE B 62 2.30 24.11 23.40
C ILE B 62 3.00 24.23 22.05
N ARG B 63 2.43 23.58 21.03
CA ARG B 63 3.01 23.62 19.69
C ARG B 63 2.03 24.30 18.73
N SER B 64 2.54 24.92 17.68
CA SER B 64 1.70 25.59 16.70
C SER B 64 0.84 24.55 16.00
N MET B 65 -0.31 24.99 15.48
CA MET B 65 -1.21 24.09 14.79
C MET B 65 -0.57 23.61 13.49
N VAL B 66 0.24 24.45 12.87
CA VAL B 66 0.93 24.09 11.64
C VAL B 66 1.92 22.96 11.90
N TRP B 67 2.64 23.04 13.02
CA TRP B 67 3.60 22.00 13.36
C TRP B 67 2.84 20.71 13.68
N ARG B 68 1.75 20.85 14.41
CA ARG B 68 0.95 19.68 14.78
C ARG B 68 0.42 18.95 13.55
N ASP B 69 -0.20 19.71 12.63
CA ASP B 69 -0.75 19.10 11.43
C ASP B 69 0.31 18.40 10.58
N ALA B 70 1.43 19.07 10.36
CA ALA B 70 2.49 18.51 9.53
C ALA B 70 3.15 17.28 10.15
N THR B 71 3.29 17.29 11.46
CA THR B 71 3.93 16.16 12.12
C THR B 71 2.99 14.97 12.16
N TYR B 72 1.74 15.23 12.51
CA TYR B 72 0.73 14.18 12.54
C TYR B 72 0.62 13.59 11.12
N GLN B 73 0.62 14.45 10.10
CA GLN B 73 0.52 13.99 8.72
C GLN B 73 1.75 13.17 8.31
N ASN B 74 2.93 13.60 8.76
CA ASN B 74 4.12 12.84 8.42
C ASN B 74 3.93 11.40 8.89
N ASP B 75 3.33 11.24 10.07
CA ASP B 75 3.11 9.90 10.61
C ASP B 75 2.05 9.13 9.81
N LEU B 76 0.94 9.78 9.49
CA LEU B 76 -0.09 9.09 8.68
C LEU B 76 0.46 8.78 7.30
N THR B 77 1.32 9.66 6.79
CA THR B 77 1.93 9.43 5.49
C THR B 77 2.83 8.19 5.60
N GLY B 78 3.55 8.08 6.71
CA GLY B 78 4.41 6.93 6.92
C GLY B 78 3.59 5.65 6.98
N ILE B 79 2.45 5.71 7.66
CA ILE B 79 1.57 4.54 7.75
C ILE B 79 1.01 4.21 6.36
N SER B 80 0.67 5.24 5.60
CA SER B 80 0.13 5.04 4.25
C SER B 80 1.15 4.36 3.34
N ASN B 81 2.38 4.85 3.37
CA ASN B 81 3.43 4.28 2.53
C ASN B 81 3.83 2.87 2.97
N ALA B 82 3.71 2.58 4.25
CA ALA B 82 4.13 1.28 4.77
C ALA B 82 3.29 0.10 4.31
N THR B 83 3.88 -1.09 4.40
CA THR B 83 3.15 -2.30 4.04
C THR B 83 2.78 -2.99 5.35
N CYS B 84 3.53 -2.71 6.41
CA CYS B 84 3.27 -3.33 7.70
C CYS B 84 3.79 -2.46 8.85
N GLY B 85 3.27 -2.71 10.05
CA GLY B 85 3.70 -1.95 11.21
C GLY B 85 4.48 -2.79 12.21
N VAL B 86 5.48 -2.18 12.83
CA VAL B 86 6.29 -2.86 13.84
C VAL B 86 6.29 -1.91 15.04
N PHE B 87 5.69 -2.36 16.14
CA PHE B 87 5.61 -1.52 17.32
C PHE B 87 6.35 -2.01 18.55
N LEU B 88 7.33 -1.21 18.96
CA LEU B 88 8.12 -1.49 20.15
C LEU B 88 7.17 -1.00 21.22
N TYR B 89 6.34 -1.93 21.70
CA TYR B 89 5.29 -1.65 22.66
C TYR B 89 5.64 -1.89 24.13
N ASP B 90 5.83 -0.80 24.88
CA ASP B 90 6.15 -0.85 26.30
C ASP B 90 4.91 -1.34 27.06
N MET B 91 4.98 -2.54 27.62
CA MET B 91 3.84 -3.07 28.37
C MET B 91 3.72 -2.45 29.77
N ASP B 92 4.80 -1.78 30.21
CA ASP B 92 4.83 -1.15 31.53
C ASP B 92 4.24 0.27 31.54
N GLN B 93 4.40 0.98 30.42
CA GLN B 93 3.87 2.33 30.31
C GLN B 93 3.19 2.40 28.95
N LEU B 94 1.91 2.02 28.92
CA LEU B 94 1.14 1.99 27.69
C LEU B 94 1.21 3.31 26.94
N ASP B 95 1.51 3.24 25.65
CA ASP B 95 1.60 4.45 24.82
C ASP B 95 0.36 4.53 23.94
N ASP B 96 -0.47 5.55 24.16
CA ASP B 96 -1.69 5.69 23.38
C ASP B 96 -1.45 6.13 21.94
N GLY B 97 -0.31 6.77 21.69
CA GLY B 97 0.01 7.18 20.34
C GLY B 97 0.24 5.94 19.49
N SER B 98 0.96 4.96 20.05
CA SER B 98 1.23 3.72 19.34
C SER B 98 -0.04 2.90 19.15
N ALA B 99 -0.87 2.85 20.19
CA ALA B 99 -2.12 2.09 20.12
C ALA B 99 -3.01 2.69 19.03
N PHE B 100 -3.03 4.01 18.93
CA PHE B 100 -3.83 4.70 17.91
C PHE B 100 -3.35 4.26 16.52
N GLU B 101 -2.05 4.25 16.33
CA GLU B 101 -1.49 3.88 15.03
C GLU B 101 -1.76 2.41 14.70
N ILE B 102 -1.78 1.56 15.72
CA ILE B 102 -2.08 0.15 15.50
C ILE B 102 -3.50 0.04 14.99
N GLY B 103 -4.43 0.76 15.61
CA GLY B 103 -5.81 0.70 15.18
C GLY B 103 -6.02 1.29 13.78
N PHE B 104 -5.31 2.37 13.49
CA PHE B 104 -5.42 3.04 12.20
C PHE B 104 -4.94 2.07 11.11
N MET B 105 -3.80 1.42 11.35
CA MET B 105 -3.27 0.47 10.39
C MET B 105 -4.20 -0.73 10.19
N ARG B 106 -4.75 -1.26 11.28
CA ARG B 106 -5.66 -2.41 11.14
C ARG B 106 -6.92 -2.00 10.41
N ALA B 107 -7.33 -0.76 10.56
CA ALA B 107 -8.51 -0.27 9.85
C ALA B 107 -8.20 -0.30 8.34
N MET B 108 -6.94 -0.12 7.99
CA MET B 108 -6.50 -0.15 6.58
C MET B 108 -6.16 -1.57 6.13
N HIS B 109 -6.46 -2.53 7.00
CA HIS B 109 -6.21 -3.97 6.76
C HIS B 109 -4.73 -4.32 6.66
N LYS B 110 -3.87 -3.48 7.22
CA LYS B 110 -2.44 -3.76 7.18
C LYS B 110 -1.96 -4.60 8.33
N PRO B 111 -1.02 -5.52 8.06
CA PRO B 111 -0.50 -6.38 9.13
C PRO B 111 0.24 -5.55 10.16
N VAL B 112 0.16 -5.97 11.42
CA VAL B 112 0.84 -5.25 12.49
C VAL B 112 1.63 -6.20 13.37
N ILE B 113 2.92 -5.94 13.48
CA ILE B 113 3.81 -6.74 14.29
C ILE B 113 3.94 -6.06 15.64
N LEU B 114 3.57 -6.78 16.69
CA LEU B 114 3.71 -6.21 18.02
C LEU B 114 4.99 -6.76 18.64
N VAL B 115 5.81 -5.88 19.18
CA VAL B 115 7.06 -6.27 19.82
C VAL B 115 6.98 -5.73 21.24
N PRO B 116 6.32 -6.48 22.14
CA PRO B 116 6.16 -6.07 23.54
C PRO B 116 7.42 -6.18 24.38
N PHE B 117 7.58 -5.23 25.29
CA PHE B 117 8.71 -5.17 26.20
C PHE B 117 8.16 -4.99 27.61
N THR B 118 8.82 -5.60 28.55
CA THR B 118 8.47 -5.53 29.97
C THR B 118 9.69 -5.71 30.84
N GLU B 119 9.82 -4.91 31.87
CA GLU B 119 10.96 -5.01 32.77
C GLU B 119 10.56 -5.85 33.97
N HIS B 120 9.30 -6.27 33.99
CA HIS B 120 8.78 -7.09 35.08
C HIS B 120 8.19 -8.40 34.55
N PRO B 121 9.03 -9.25 33.94
CA PRO B 121 8.56 -10.53 33.40
C PRO B 121 7.89 -11.42 34.45
N GLU B 122 8.03 -11.08 35.72
CA GLU B 122 7.43 -11.89 36.77
C GLU B 122 6.07 -11.39 37.20
N LYS B 123 5.72 -10.18 36.77
CA LYS B 123 4.41 -9.62 37.11
C LYS B 123 3.36 -10.19 36.17
N GLU B 124 2.09 -9.90 36.46
CA GLU B 124 1.00 -10.40 35.65
C GLU B 124 1.24 -10.18 34.16
N LYS B 125 0.68 -11.07 33.35
CA LYS B 125 0.82 -11.00 31.91
C LYS B 125 -0.59 -10.79 31.36
N LYS B 126 -0.93 -9.53 31.07
CA LYS B 126 -2.25 -9.19 30.56
C LYS B 126 -2.20 -8.13 29.47
N MET B 127 -3.13 -8.20 28.54
CA MET B 127 -3.17 -7.26 27.42
C MET B 127 -4.61 -6.90 27.04
N ASN B 128 -4.81 -5.66 26.61
CA ASN B 128 -6.13 -5.21 26.21
C ASN B 128 -6.57 -5.99 24.97
N LEU B 129 -7.84 -6.40 24.95
CA LEU B 129 -8.38 -7.17 23.85
C LEU B 129 -8.16 -6.56 22.47
N MET B 130 -8.36 -5.25 22.35
CA MET B 130 -8.20 -4.60 21.04
C MET B 130 -6.77 -4.78 20.53
N ILE B 131 -5.79 -4.66 21.40
CA ILE B 131 -4.41 -4.82 20.98
C ILE B 131 -4.13 -6.29 20.69
N ALA B 132 -4.55 -7.15 21.63
CA ALA B 132 -4.35 -8.59 21.51
C ALA B 132 -4.98 -9.19 20.26
N GLN B 133 -6.13 -8.68 19.87
CA GLN B 133 -6.82 -9.21 18.70
C GLN B 133 -6.48 -8.43 17.45
N GLY B 134 -6.15 -7.16 17.62
CA GLY B 134 -5.82 -6.31 16.49
C GLY B 134 -4.51 -6.69 15.81
N VAL B 135 -3.46 -6.91 16.58
CA VAL B 135 -2.17 -7.26 15.98
C VAL B 135 -2.25 -8.62 15.31
N THR B 136 -1.50 -8.76 14.22
CA THR B 136 -1.49 -10.00 13.46
C THR B 136 -0.31 -10.92 13.76
N THR B 137 0.78 -10.35 14.25
CA THR B 137 1.97 -11.11 14.58
C THR B 137 2.63 -10.53 15.83
N ILE B 138 2.98 -11.41 16.75
CA ILE B 138 3.64 -10.98 17.98
C ILE B 138 5.04 -11.57 18.08
N ILE B 139 6.01 -10.74 18.44
CA ILE B 139 7.40 -11.14 18.62
C ILE B 139 7.85 -10.54 19.93
N ASP B 140 8.03 -11.38 20.95
CA ASP B 140 8.45 -10.90 22.26
C ASP B 140 9.73 -10.08 22.14
N GLY B 141 9.69 -8.86 22.66
CA GLY B 141 10.86 -8.00 22.59
C GLY B 141 11.93 -8.38 23.59
N ASN B 142 11.51 -8.92 24.73
CA ASN B 142 12.45 -9.31 25.77
C ASN B 142 13.29 -10.54 25.44
N THR B 143 12.72 -11.51 24.73
CA THR B 143 13.47 -12.72 24.42
C THR B 143 13.53 -13.15 22.96
N GLU B 144 12.88 -12.42 22.07
CA GLU B 144 12.90 -12.78 20.65
C GLU B 144 13.11 -11.56 19.77
N PHE B 145 13.53 -10.46 20.39
CA PHE B 145 13.77 -9.20 19.70
C PHE B 145 14.55 -9.37 18.40
N GLU B 146 15.59 -10.18 18.44
CA GLU B 146 16.44 -10.38 17.28
C GLU B 146 15.83 -10.98 16.02
N LYS B 147 14.66 -11.60 16.11
CA LYS B 147 14.11 -12.16 14.88
C LYS B 147 13.56 -11.12 13.91
N LEU B 148 13.71 -9.84 14.26
CA LEU B 148 13.26 -8.77 13.37
C LEU B 148 14.21 -8.71 12.17
N ALA B 149 15.38 -9.29 12.34
CA ALA B 149 16.40 -9.32 11.29
C ALA B 149 16.13 -10.43 10.29
N ASP B 150 15.33 -11.41 10.70
CA ASP B 150 15.01 -12.57 9.85
C ASP B 150 13.55 -12.71 9.40
N TYR B 151 12.63 -12.09 10.14
CA TYR B 151 11.20 -12.17 9.79
C TYR B 151 11.01 -11.76 8.34
N ASN B 152 10.22 -12.52 7.59
CA ASN B 152 9.98 -12.23 6.18
C ASN B 152 8.94 -11.13 6.00
N PHE B 153 9.38 -9.89 5.98
CA PHE B 153 8.48 -8.75 5.83
C PHE B 153 7.83 -8.62 4.47
N ASN B 154 8.18 -9.50 3.54
CA ASN B 154 7.56 -9.47 2.23
C ASN B 154 6.15 -10.05 2.35
N GLU B 155 5.96 -10.96 3.31
CA GLU B 155 4.66 -11.60 3.48
C GLU B 155 4.06 -11.55 4.90
N CYS B 156 4.89 -11.22 5.90
CA CYS B 156 4.43 -11.12 7.28
C CYS B 156 3.53 -12.29 7.75
N PRO B 157 4.11 -13.48 7.95
CA PRO B 157 3.31 -14.62 8.42
C PRO B 157 2.64 -14.26 9.73
N SER B 158 1.37 -14.63 9.90
CA SER B 158 0.64 -14.31 11.12
C SER B 158 1.12 -15.14 12.31
N ASN B 159 0.88 -14.62 13.51
CA ASN B 159 1.26 -15.30 14.74
C ASN B 159 0.43 -14.68 15.86
N PRO B 160 -0.81 -15.15 16.04
CA PRO B 160 -1.74 -14.67 17.06
C PRO B 160 -1.16 -14.55 18.46
N VAL B 161 -1.61 -13.54 19.18
CA VAL B 161 -1.16 -13.32 20.55
C VAL B 161 -1.82 -14.36 21.45
N ARG B 162 -1.01 -15.02 22.27
CA ARG B 162 -1.52 -16.03 23.19
C ARG B 162 -0.67 -16.03 24.45
N GLY B 163 -1.21 -16.52 25.55
CA GLY B 163 -0.45 -16.54 26.80
C GLY B 163 -0.61 -15.28 27.61
N TYR B 164 -1.45 -14.37 27.12
CA TYR B 164 -1.72 -13.11 27.81
C TYR B 164 -3.15 -13.11 28.32
N GLY B 165 -3.33 -12.67 29.56
CA GLY B 165 -4.67 -12.58 30.09
C GLY B 165 -5.29 -11.43 29.30
N ILE B 166 -6.58 -11.48 29.02
CA ILE B 166 -7.20 -10.42 28.25
C ILE B 166 -8.30 -9.69 29.02
N TYR B 167 -8.32 -8.36 28.90
CA TYR B 167 -9.32 -7.52 29.56
C TYR B 167 -9.80 -6.40 28.62
N MET C 1 14.04 6.11 7.15
CA MET C 1 15.51 5.96 6.94
C MET C 1 15.78 5.80 5.45
N LYS C 2 17.05 5.80 5.06
CA LYS C 2 17.42 5.63 3.65
C LYS C 2 16.82 4.33 3.15
N ALA C 3 16.11 4.41 2.02
CA ALA C 3 15.48 3.24 1.44
C ALA C 3 16.51 2.34 0.76
N VAL C 4 16.37 1.05 0.98
CA VAL C 4 17.26 0.06 0.39
C VAL C 4 17.07 0.08 -1.13
N VAL C 5 16.00 0.72 -1.57
CA VAL C 5 15.70 0.82 -2.98
C VAL C 5 14.55 1.81 -3.21
N PRO C 6 14.45 2.39 -4.41
CA PRO C 6 13.39 3.35 -4.74
C PRO C 6 12.04 2.78 -4.33
N THR C 7 11.28 3.54 -3.55
CA THR C 7 9.99 3.09 -3.08
C THR C 7 8.83 3.92 -3.63
N GLY C 8 9.10 5.18 -3.93
CA GLY C 8 8.06 6.06 -4.43
C GLY C 8 7.41 5.64 -5.73
N LYS C 9 6.08 5.66 -5.75
CA LYS C 9 5.30 5.33 -6.93
C LYS C 9 4.35 6.49 -7.13
N ILE C 10 4.69 7.34 -8.09
CA ILE C 10 3.95 8.55 -8.38
C ILE C 10 2.79 8.46 -9.36
N TYR C 11 1.69 9.11 -8.98
CA TYR C 11 0.55 9.21 -9.85
C TYR C 11 0.61 10.69 -10.24
N LEU C 12 1.06 10.96 -11.46
CA LEU C 12 1.18 12.33 -11.94
C LEU C 12 -0.14 12.81 -12.54
N GLY C 13 -0.82 13.69 -11.82
CA GLY C 13 -2.09 14.22 -12.30
C GLY C 13 -1.94 15.57 -12.97
N SER C 14 -2.37 15.65 -14.22
CA SER C 14 -2.28 16.90 -14.97
C SER C 14 -3.14 16.91 -16.22
N PRO C 15 -3.67 18.08 -16.58
CA PRO C 15 -4.50 18.24 -17.78
C PRO C 15 -3.54 18.09 -18.94
N PHE C 16 -4.04 17.81 -20.14
CA PHE C 16 -3.10 17.63 -21.26
C PHE C 16 -3.44 18.30 -22.59
N TYR C 17 -2.45 18.27 -23.48
CA TYR C 17 -2.53 18.86 -24.83
C TYR C 17 -3.49 20.02 -24.99
N SER C 18 -3.30 21.04 -24.17
CA SER C 18 -4.10 22.24 -24.21
C SER C 18 -3.11 23.38 -24.08
N ASP C 19 -1.97 23.22 -24.74
CA ASP C 19 -0.89 24.21 -24.72
C ASP C 19 -0.36 24.40 -23.30
N ALA C 20 0.95 24.57 -23.19
CA ALA C 20 1.60 24.78 -21.91
C ALA C 20 1.49 23.55 -21.02
N GLN C 21 0.28 23.08 -20.80
CA GLN C 21 0.04 21.90 -19.97
C GLN C 21 0.94 20.76 -20.42
N ARG C 22 0.93 20.50 -21.73
CA ARG C 22 1.76 19.43 -22.28
C ARG C 22 3.22 19.68 -21.96
N GLU C 23 3.61 20.94 -21.94
CA GLU C 23 4.99 21.31 -21.64
C GLU C 23 5.32 21.02 -20.17
N ARG C 24 4.40 21.39 -19.29
CA ARG C 24 4.55 21.19 -17.85
C ARG C 24 4.77 19.73 -17.55
N ALA C 25 3.81 18.90 -17.95
CA ALA C 25 3.88 17.46 -17.71
C ALA C 25 5.20 16.92 -18.24
N ALA C 26 5.62 17.44 -19.38
CA ALA C 26 6.85 17.02 -20.03
C ALA C 26 8.07 17.23 -19.12
N LYS C 27 8.24 18.46 -18.64
CA LYS C 27 9.38 18.76 -17.76
C LYS C 27 9.28 17.96 -16.47
N ALA C 28 8.06 17.85 -15.94
CA ALA C 28 7.81 17.11 -14.71
C ALA C 28 8.35 15.70 -14.83
N LYS C 29 8.01 15.04 -15.94
CA LYS C 29 8.46 13.67 -16.18
C LYS C 29 9.99 13.58 -16.11
N GLU C 30 10.66 14.57 -16.71
CA GLU C 30 12.11 14.60 -16.72
C GLU C 30 12.67 14.79 -15.32
N LEU C 31 12.07 15.71 -14.57
CA LEU C 31 12.51 15.98 -13.21
C LEU C 31 12.33 14.74 -12.33
N LEU C 32 11.18 14.08 -12.45
CA LEU C 32 10.90 12.90 -11.64
C LEU C 32 11.87 11.75 -11.98
N ALA C 33 12.18 11.60 -13.26
CA ALA C 33 13.09 10.56 -13.70
C ALA C 33 14.49 10.73 -13.10
N LYS C 34 14.82 11.97 -12.70
CA LYS C 34 16.11 12.25 -12.10
C LYS C 34 16.09 11.98 -10.61
N ASN C 35 14.90 11.70 -10.07
CA ASN C 35 14.75 11.45 -8.65
C ASN C 35 15.04 10.00 -8.26
N PRO C 36 16.10 9.79 -7.46
CA PRO C 36 16.56 8.49 -6.96
C PRO C 36 15.60 7.78 -5.99
N SER C 37 14.56 8.48 -5.55
CA SER C 37 13.60 7.89 -4.60
C SER C 37 12.38 7.30 -5.28
N ILE C 38 12.30 7.47 -6.60
CA ILE C 38 11.15 6.97 -7.34
C ILE C 38 11.36 5.61 -8.01
N ALA C 39 10.39 4.73 -7.82
CA ALA C 39 10.44 3.40 -8.40
C ALA C 39 9.60 3.39 -9.67
N HIS C 40 8.52 4.16 -9.68
CA HIS C 40 7.64 4.21 -10.84
C HIS C 40 6.79 5.47 -10.88
N VAL C 41 6.53 5.93 -12.10
CA VAL C 41 5.70 7.12 -12.31
C VAL C 41 4.63 6.75 -13.33
N PHE C 42 3.38 7.06 -13.00
CA PHE C 42 2.25 6.79 -13.87
C PHE C 42 1.63 8.11 -14.34
N PHE C 43 1.37 8.21 -15.65
CA PHE C 43 0.75 9.41 -16.21
C PHE C 43 -0.42 8.93 -17.06
N PRO C 44 -1.65 9.23 -16.62
CA PRO C 44 -2.88 8.84 -17.32
C PRO C 44 -2.98 9.06 -18.82
N PHE C 45 -2.19 9.98 -19.37
CA PHE C 45 -2.26 10.23 -20.80
C PHE C 45 -1.24 9.50 -21.69
N ASP C 46 -0.14 9.04 -21.11
CA ASP C 46 0.84 8.32 -21.90
C ASP C 46 0.18 7.14 -22.60
N ASP C 47 -0.04 6.06 -21.87
CA ASP C 47 -0.69 4.87 -22.44
C ASP C 47 -2.17 5.20 -22.67
N GLY C 48 -2.75 4.56 -23.68
CA GLY C 48 -4.15 4.81 -23.98
C GLY C 48 -4.95 3.61 -24.42
N PHE C 49 -6.23 3.58 -24.06
CA PHE C 49 -7.12 2.48 -24.41
C PHE C 49 -7.70 2.69 -25.81
N SER C 64 -17.54 6.09 -26.18
CA SER C 64 -18.27 4.87 -25.86
C SER C 64 -18.10 4.53 -24.39
N MET C 65 -19.15 3.96 -23.80
CA MET C 65 -19.14 3.58 -22.40
C MET C 65 -18.03 2.58 -22.12
N VAL C 66 -17.53 1.94 -23.17
CA VAL C 66 -16.45 0.97 -23.02
C VAL C 66 -15.13 1.71 -22.83
N TRP C 67 -14.92 2.74 -23.64
CA TRP C 67 -13.69 3.52 -23.56
C TRP C 67 -13.66 4.29 -22.24
N ARG C 68 -14.78 4.91 -21.91
CA ARG C 68 -14.91 5.68 -20.67
C ARG C 68 -14.53 4.83 -19.45
N ASP C 69 -15.20 3.69 -19.29
CA ASP C 69 -14.94 2.79 -18.16
C ASP C 69 -13.49 2.35 -18.11
N ALA C 70 -12.96 1.90 -19.24
CA ALA C 70 -11.58 1.43 -19.30
C ALA C 70 -10.57 2.50 -18.93
N THR C 71 -10.74 3.69 -19.50
CA THR C 71 -9.81 4.79 -19.22
C THR C 71 -9.97 5.24 -17.77
N TYR C 72 -11.21 5.40 -17.33
CA TYR C 72 -11.48 5.80 -15.96
C TYR C 72 -10.76 4.80 -15.06
N GLN C 73 -11.08 3.52 -15.26
CA GLN C 73 -10.48 2.46 -14.45
C GLN C 73 -8.95 2.46 -14.51
N ASN C 74 -8.38 2.72 -15.68
CA ASN C 74 -6.92 2.74 -15.80
C ASN C 74 -6.35 3.79 -14.86
N ASP C 75 -7.11 4.85 -14.66
CA ASP C 75 -6.67 5.93 -13.78
C ASP C 75 -6.84 5.53 -12.31
N LEU C 76 -7.97 4.88 -11.97
CA LEU C 76 -8.16 4.47 -10.58
C LEU C 76 -7.11 3.42 -10.21
N THR C 77 -6.72 2.61 -11.18
CA THR C 77 -5.71 1.60 -10.97
C THR C 77 -4.36 2.28 -10.74
N GLY C 78 -4.13 3.38 -11.45
CA GLY C 78 -2.87 4.09 -11.26
C GLY C 78 -2.84 4.69 -9.86
N ILE C 79 -3.99 5.17 -9.39
CA ILE C 79 -4.08 5.76 -8.07
C ILE C 79 -3.89 4.69 -7.00
N SER C 80 -4.41 3.50 -7.28
CA SER C 80 -4.31 2.39 -6.35
C SER C 80 -2.88 1.91 -6.17
N ASN C 81 -2.18 1.71 -7.28
CA ASN C 81 -0.79 1.25 -7.20
C ASN C 81 0.14 2.34 -6.68
N ALA C 82 -0.25 3.59 -6.88
CA ALA C 82 0.55 4.72 -6.44
C ALA C 82 0.73 4.82 -4.93
N THR C 83 1.84 5.40 -4.51
CA THR C 83 2.11 5.59 -3.10
C THR C 83 1.79 7.05 -2.76
N CYS C 84 1.93 7.93 -3.75
CA CYS C 84 1.65 9.34 -3.54
C CYS C 84 1.14 9.96 -4.84
N GLY C 85 0.60 11.17 -4.73
CA GLY C 85 0.10 11.85 -5.90
C GLY C 85 0.82 13.17 -6.09
N VAL C 86 1.14 13.51 -7.34
CA VAL C 86 1.80 14.78 -7.66
C VAL C 86 0.90 15.42 -8.70
N PHE C 87 0.39 16.62 -8.40
CA PHE C 87 -0.52 17.28 -9.32
C PHE C 87 -0.04 18.62 -9.85
N LEU C 88 0.18 18.69 -11.17
CA LEU C 88 0.58 19.91 -11.84
C LEU C 88 -0.74 20.67 -11.88
N TYR C 89 -0.98 21.46 -10.84
CA TYR C 89 -2.24 22.18 -10.69
C TYR C 89 -2.25 23.60 -11.23
N ASP C 90 -2.98 23.79 -12.32
CA ASP C 90 -3.10 25.10 -12.94
C ASP C 90 -4.10 25.95 -12.17
N MET C 91 -3.60 26.98 -11.50
CA MET C 91 -4.46 27.85 -10.71
C MET C 91 -5.28 28.82 -11.55
N ASP C 92 -4.91 29.01 -12.81
CA ASP C 92 -5.64 29.92 -13.71
C ASP C 92 -6.89 29.25 -14.28
N GLN C 93 -6.81 27.95 -14.52
CA GLN C 93 -7.96 27.19 -15.02
C GLN C 93 -8.05 25.94 -14.18
N LEU C 94 -8.98 25.95 -13.23
CA LEU C 94 -9.16 24.82 -12.31
C LEU C 94 -9.64 23.55 -13.00
N ASP C 95 -8.86 22.48 -12.85
CA ASP C 95 -9.20 21.20 -13.44
C ASP C 95 -9.89 20.31 -12.43
N ASP C 96 -11.18 20.09 -12.62
CA ASP C 96 -11.95 19.25 -11.71
C ASP C 96 -11.57 17.78 -11.75
N GLY C 97 -10.90 17.37 -12.82
CA GLY C 97 -10.46 15.99 -12.92
C GLY C 97 -9.40 15.78 -11.86
N SER C 98 -8.40 16.67 -11.84
CA SER C 98 -7.32 16.60 -10.88
C SER C 98 -7.85 16.72 -9.45
N ALA C 99 -8.82 17.62 -9.24
CA ALA C 99 -9.39 17.81 -7.91
C ALA C 99 -10.09 16.53 -7.44
N PHE C 100 -10.87 15.92 -8.33
CA PHE C 100 -11.56 14.66 -8.01
C PHE C 100 -10.51 13.65 -7.55
N GLU C 101 -9.40 13.57 -8.29
CA GLU C 101 -8.32 12.64 -7.97
C GLU C 101 -7.63 12.95 -6.66
N ILE C 102 -7.47 14.24 -6.36
CA ILE C 102 -6.85 14.61 -5.12
C ILE C 102 -7.73 14.12 -3.96
N GLY C 103 -9.04 14.36 -4.07
CA GLY C 103 -9.95 13.95 -3.02
C GLY C 103 -10.00 12.44 -2.86
N PHE C 104 -9.91 11.74 -3.99
CA PHE C 104 -9.94 10.28 -4.00
C PHE C 104 -8.71 9.74 -3.26
N MET C 105 -7.54 10.30 -3.55
CA MET C 105 -6.31 9.85 -2.90
C MET C 105 -6.27 10.19 -1.42
N ARG C 106 -6.81 11.35 -1.04
CA ARG C 106 -6.81 11.71 0.37
C ARG C 106 -7.74 10.79 1.15
N ALA C 107 -8.85 10.38 0.53
CA ALA C 107 -9.78 9.47 1.18
C ALA C 107 -9.09 8.12 1.43
N MET C 108 -8.06 7.83 0.64
CA MET C 108 -7.30 6.59 0.79
C MET C 108 -6.14 6.81 1.74
N HIS C 109 -6.04 8.02 2.29
CA HIS C 109 -4.98 8.39 3.23
C HIS C 109 -3.59 8.51 2.58
N LYS C 110 -3.55 8.65 1.26
CA LYS C 110 -2.28 8.78 0.56
C LYS C 110 -1.85 10.23 0.51
N PRO C 111 -0.53 10.47 0.60
CA PRO C 111 -0.05 11.85 0.55
C PRO C 111 -0.20 12.44 -0.85
N VAL C 112 -0.43 13.74 -0.91
CA VAL C 112 -0.59 14.43 -2.19
C VAL C 112 0.29 15.67 -2.28
N ILE C 113 1.12 15.72 -3.31
CA ILE C 113 2.00 16.87 -3.54
C ILE C 113 1.30 17.79 -4.54
N LEU C 114 1.05 19.02 -4.14
CA LEU C 114 0.40 19.94 -5.05
C LEU C 114 1.49 20.83 -5.65
N VAL C 115 1.47 20.99 -6.96
CA VAL C 115 2.43 21.84 -7.66
C VAL C 115 1.65 22.87 -8.46
N PRO C 116 1.22 23.96 -7.81
CA PRO C 116 0.44 25.04 -8.44
C PRO C 116 1.21 25.87 -9.47
N PHE C 117 0.50 26.25 -10.53
CA PHE C 117 1.08 27.06 -11.60
C PHE C 117 0.12 28.19 -11.91
N THR C 118 0.67 29.37 -12.18
CA THR C 118 -0.14 30.52 -12.54
C THR C 118 0.66 31.46 -13.45
N GLU C 119 0.02 31.93 -14.50
CA GLU C 119 0.65 32.84 -15.44
C GLU C 119 0.18 34.25 -15.10
N HIS C 120 -0.39 34.40 -13.91
CA HIS C 120 -0.90 35.69 -13.46
C HIS C 120 -0.67 35.97 -11.97
N PRO C 121 0.60 36.17 -11.57
CA PRO C 121 0.99 36.46 -10.18
C PRO C 121 0.44 37.80 -9.70
N GLU C 122 0.06 38.67 -10.65
CA GLU C 122 -0.47 39.97 -10.31
C GLU C 122 -1.87 39.82 -9.72
N LYS C 123 -2.49 38.67 -9.98
CA LYS C 123 -3.84 38.42 -9.49
C LYS C 123 -3.85 37.83 -8.09
N GLU C 124 -5.01 37.88 -7.46
CA GLU C 124 -5.19 37.37 -6.10
C GLU C 124 -4.60 35.97 -5.95
N LYS C 125 -4.10 35.68 -4.76
CA LYS C 125 -3.51 34.39 -4.44
C LYS C 125 -4.51 33.71 -3.52
N LYS C 126 -5.38 32.88 -4.10
CA LYS C 126 -6.40 32.20 -3.30
C LYS C 126 -6.55 30.74 -3.69
N MET C 127 -7.02 29.94 -2.74
CA MET C 127 -7.20 28.51 -3.01
C MET C 127 -8.43 27.99 -2.27
N ASN C 128 -9.11 27.02 -2.88
CA ASN C 128 -10.29 26.42 -2.27
C ASN C 128 -9.81 25.69 -1.02
N LEU C 129 -10.59 25.77 0.06
CA LEU C 129 -10.22 25.12 1.31
C LEU C 129 -9.93 23.63 1.21
N MET C 130 -10.78 22.90 0.50
CA MET C 130 -10.62 21.46 0.37
C MET C 130 -9.28 21.08 -0.25
N ILE C 131 -8.80 21.91 -1.15
CA ILE C 131 -7.51 21.65 -1.78
C ILE C 131 -6.37 22.08 -0.86
N ALA C 132 -6.49 23.28 -0.28
CA ALA C 132 -5.46 23.82 0.61
C ALA C 132 -5.26 22.93 1.82
N GLN C 133 -6.34 22.40 2.37
CA GLN C 133 -6.23 21.54 3.55
C GLN C 133 -6.03 20.08 3.14
N GLY C 134 -6.58 19.70 1.99
CA GLY C 134 -6.46 18.33 1.52
C GLY C 134 -5.04 17.90 1.15
N VAL C 135 -4.32 18.77 0.45
CA VAL C 135 -2.96 18.44 0.06
C VAL C 135 -2.06 18.40 1.30
N THR C 136 -1.04 17.55 1.27
CA THR C 136 -0.14 17.42 2.39
C THR C 136 1.20 18.13 2.18
N THR C 137 1.56 18.36 0.93
CA THR C 137 2.80 19.04 0.58
C THR C 137 2.63 19.93 -0.65
N ILE C 138 3.09 21.17 -0.55
CA ILE C 138 3.00 22.08 -1.69
C ILE C 138 4.40 22.43 -2.18
N ILE C 139 4.58 22.39 -3.49
CA ILE C 139 5.84 22.73 -4.14
C ILE C 139 5.42 23.67 -5.26
N ASP C 140 5.75 24.94 -5.14
CA ASP C 140 5.35 25.92 -6.16
C ASP C 140 5.97 25.60 -7.51
N GLY C 141 5.12 25.56 -8.54
CA GLY C 141 5.60 25.23 -9.87
C GLY C 141 6.39 26.33 -10.54
N ASN C 142 6.03 27.58 -10.27
CA ASN C 142 6.73 28.71 -10.88
C ASN C 142 8.05 29.02 -10.17
N THR C 143 8.09 28.77 -8.87
CA THR C 143 9.28 29.07 -8.07
C THR C 143 10.23 27.91 -7.78
N GLU C 144 9.71 26.71 -7.51
CA GLU C 144 10.57 25.59 -7.17
C GLU C 144 10.25 24.28 -7.88
N PHE C 145 9.89 24.36 -9.16
CA PHE C 145 9.54 23.19 -9.94
C PHE C 145 10.63 22.12 -9.89
N GLU C 146 11.88 22.56 -9.96
CA GLU C 146 13.03 21.67 -9.94
C GLU C 146 13.09 20.74 -8.72
N LYS C 147 12.44 21.13 -7.63
CA LYS C 147 12.46 20.31 -6.42
C LYS C 147 11.94 18.88 -6.62
N LEU C 148 11.11 18.66 -7.63
CA LEU C 148 10.56 17.32 -7.88
C LEU C 148 11.67 16.29 -8.10
N ALA C 149 12.87 16.76 -8.43
CA ALA C 149 13.98 15.87 -8.66
C ALA C 149 14.70 15.52 -7.37
N ASP C 150 14.53 16.35 -6.34
CA ASP C 150 15.19 16.12 -5.07
C ASP C 150 14.28 15.62 -3.95
N TYR C 151 13.00 15.92 -4.05
CA TYR C 151 12.03 15.51 -3.05
C TYR C 151 12.13 14.01 -2.74
N ASN C 152 12.18 13.66 -1.45
CA ASN C 152 12.27 12.25 -1.06
C ASN C 152 10.90 11.58 -1.10
N PHE C 153 10.59 10.92 -2.21
CA PHE C 153 9.31 10.26 -2.35
C PHE C 153 9.15 8.97 -1.56
N ASN C 154 10.18 8.56 -0.82
CA ASN C 154 10.09 7.36 0.00
C ASN C 154 9.36 7.69 1.30
N GLU C 155 9.28 8.99 1.61
CA GLU C 155 8.64 9.42 2.85
C GLU C 155 7.68 10.59 2.72
N CYS C 156 7.75 11.30 1.59
CA CYS C 156 6.87 12.43 1.33
C CYS C 156 6.65 13.37 2.52
N PRO C 157 7.72 14.04 2.99
CA PRO C 157 7.60 14.97 4.13
C PRO C 157 6.52 16.00 3.86
N SER C 158 5.71 16.28 4.88
CA SER C 158 4.62 17.25 4.74
C SER C 158 5.10 18.68 4.65
N ASN C 159 4.30 19.51 4.00
CA ASN C 159 4.58 20.94 3.88
C ASN C 159 3.26 21.62 3.60
N PRO C 160 2.52 21.99 4.66
CA PRO C 160 1.22 22.65 4.58
C PRO C 160 1.17 23.87 3.67
N VAL C 161 0.02 24.05 3.03
CA VAL C 161 -0.20 25.20 2.16
C VAL C 161 -0.34 26.45 3.02
N ARG C 162 0.36 27.51 2.64
CA ARG C 162 0.31 28.77 3.37
C ARG C 162 0.49 29.88 2.35
N GLY C 163 0.05 31.09 2.69
CA GLY C 163 0.21 32.21 1.78
C GLY C 163 -0.91 32.37 0.76
N TYR C 164 -1.98 31.58 0.91
CA TYR C 164 -3.12 31.66 0.00
C TYR C 164 -4.37 32.07 0.74
N GLY C 165 -5.09 33.05 0.20
CA GLY C 165 -6.35 33.42 0.82
C GLY C 165 -7.21 32.18 0.65
N ILE C 166 -8.06 31.88 1.62
CA ILE C 166 -8.87 30.68 1.49
C ILE C 166 -10.37 30.92 1.50
N TYR C 167 -11.06 30.20 0.61
CA TYR C 167 -12.51 30.30 0.49
C TYR C 167 -13.12 28.90 0.32
#